data_5NCJ
#
_entry.id   5NCJ
#
_cell.length_a   148.740
_cell.length_b   56.061
_cell.length_c   73.802
_cell.angle_alpha   90.00
_cell.angle_beta   112.46
_cell.angle_gamma   90.00
#
_symmetry.space_group_name_H-M   'C 1 2 1'
#
loop_
_entity.id
_entity.type
_entity.pdbx_description
1 polymer 'Leucine hydroxylase'
2 non-polymer 'MANGANESE (II) ION'
3 non-polymer 'SUCCINIC ACID'
4 non-polymer (2S,4R)-5-hydroxyleucine
5 water water
#
_entity_poly.entity_id   1
_entity_poly.type   'polypeptide(L)'
_entity_poly.pdbx_seq_one_letter_code
;GGRMQLTADQVEKYKSDGYVLLEGAFSPEEVHVMRQALKKDQEVQGPHRILEEDGRTVRALYASHTRQSVFDQLSRSDRL
LGPATQLLECDLYIHQFKINTKRAFGGDSWAWHQDFIVWRDTDGLPAPRAVNVGVFLSDVTEFNGPVVFLSGSHQRGTVE
RKARETSRSDQHVDPDDYSMTPAELSQMVEKHPMVSPKAASGSVMLFHPEIIHGSAPNISPFARDLLIITYNDVANAPKP
AGEPRPEYVIGRDTTPLVSRSGPLHEAA
;
_entity_poly.pdbx_strand_id   A,B
#
# COMPACT_ATOMS: atom_id res chain seq x y z
N MET A 4 26.08 8.18 -23.62
CA MET A 4 26.16 7.80 -22.19
C MET A 4 25.62 8.91 -21.30
N GLN A 5 24.38 8.75 -20.84
CA GLN A 5 23.71 9.77 -20.05
C GLN A 5 23.81 9.53 -18.55
N LEU A 6 23.93 8.27 -18.11
CA LEU A 6 24.00 8.00 -16.67
C LEU A 6 25.31 8.55 -16.11
N THR A 7 25.22 9.23 -14.97
CA THR A 7 26.40 9.71 -14.27
C THR A 7 27.08 8.55 -13.54
N ALA A 8 28.32 8.77 -13.12
CA ALA A 8 28.97 7.79 -12.26
C ALA A 8 28.09 7.48 -11.05
N ASP A 9 27.49 8.51 -10.45
CA ASP A 9 26.66 8.27 -9.27
C ASP A 9 25.47 7.40 -9.61
N GLN A 10 24.86 7.62 -10.77
CA GLN A 10 23.69 6.82 -11.15
C GLN A 10 24.08 5.38 -11.42
N VAL A 11 25.23 5.15 -12.07
CA VAL A 11 25.67 3.78 -12.30
C VAL A 11 26.03 3.11 -10.98
N GLU A 12 26.70 3.82 -10.07
N GLU A 12 26.67 3.83 -10.07
CA GLU A 12 26.99 3.26 -8.76
CA GLU A 12 27.00 3.23 -8.77
C GLU A 12 25.71 2.85 -8.04
C GLU A 12 25.75 2.89 -7.96
N LYS A 13 24.70 3.71 -8.07
CA LYS A 13 23.43 3.38 -7.43
C LYS A 13 22.86 2.09 -8.01
N TYR A 14 22.87 1.96 -9.33
CA TYR A 14 22.39 0.72 -9.92
C TYR A 14 23.20 -0.47 -9.43
N LYS A 15 24.54 -0.35 -9.40
CA LYS A 15 25.36 -1.48 -8.98
C LYS A 15 25.18 -1.82 -7.51
N SER A 16 25.10 -0.80 -6.64
CA SER A 16 25.04 -1.10 -5.21
C SER A 16 23.63 -1.39 -4.73
N ASP A 17 22.62 -0.64 -5.23
CA ASP A 17 21.25 -0.72 -4.75
C ASP A 17 20.33 -1.56 -5.62
N GLY A 18 20.72 -1.80 -6.87
CA GLY A 18 19.96 -2.64 -7.76
C GLY A 18 18.93 -1.94 -8.60
N TYR A 19 18.80 -0.62 -8.50
CA TYR A 19 17.82 0.12 -9.27
C TYR A 19 18.28 1.58 -9.33
N VAL A 20 17.72 2.31 -10.30
CA VAL A 20 17.96 3.75 -10.39
C VAL A 20 16.79 4.40 -11.12
N LEU A 21 16.40 5.58 -10.64
CA LEU A 21 15.28 6.34 -11.17
C LEU A 21 15.79 7.55 -11.96
N LEU A 22 15.30 7.66 -13.21
CA LEU A 22 15.54 8.81 -14.10
C LEU A 22 14.22 9.58 -14.27
N GLU A 23 14.06 10.68 -13.54
CA GLU A 23 12.81 11.41 -13.59
C GLU A 23 12.70 12.23 -14.88
N GLY A 24 11.49 12.29 -15.41
CA GLY A 24 11.17 13.19 -16.51
C GLY A 24 11.85 12.86 -17.82
N ALA A 25 12.08 11.57 -18.10
CA ALA A 25 12.74 11.22 -19.35
C ALA A 25 11.85 11.50 -20.57
N PHE A 26 10.52 11.33 -20.43
CA PHE A 26 9.56 11.57 -21.51
C PHE A 26 8.61 12.70 -21.11
N SER A 27 8.25 13.50 -22.11
CA SER A 27 7.45 14.70 -21.90
C SER A 27 5.98 14.35 -21.65
N PRO A 28 5.20 15.28 -21.13
CA PRO A 28 3.76 15.04 -21.00
C PRO A 28 3.09 14.67 -22.31
N GLU A 29 3.49 15.29 -23.42
CA GLU A 29 2.91 14.96 -24.72
C GLU A 29 3.25 13.54 -25.12
N GLU A 30 4.49 13.11 -24.91
CA GLU A 30 4.88 11.74 -25.22
C GLU A 30 4.12 10.74 -24.35
N VAL A 31 3.95 11.05 -23.06
CA VAL A 31 3.15 10.18 -22.19
C VAL A 31 1.73 10.05 -22.74
N HIS A 32 1.13 11.15 -23.18
CA HIS A 32 -0.21 11.10 -23.74
C HIS A 32 -0.29 10.15 -24.92
N VAL A 33 0.69 10.24 -25.84
CA VAL A 33 0.68 9.34 -26.99
C VAL A 33 0.75 7.89 -26.54
N MET A 34 1.61 7.59 -25.57
CA MET A 34 1.73 6.23 -25.08
C MET A 34 0.44 5.76 -24.42
N ARG A 35 -0.21 6.64 -23.65
CA ARG A 35 -1.46 6.26 -23.00
C ARG A 35 -2.56 5.98 -24.01
N GLN A 36 -2.61 6.76 -25.09
CA GLN A 36 -3.59 6.49 -26.14
C GLN A 36 -3.32 5.13 -26.78
N ALA A 37 -2.05 4.81 -27.00
CA ALA A 37 -1.70 3.51 -27.58
C ALA A 37 -1.99 2.38 -26.62
N LEU A 38 -1.83 2.63 -25.33
CA LEU A 38 -2.19 1.62 -24.34
C LEU A 38 -3.70 1.36 -24.35
N LYS A 39 -4.50 2.43 -24.43
CA LYS A 39 -5.94 2.26 -24.43
C LYS A 39 -6.38 1.43 -25.63
N LYS A 40 -5.72 1.64 -26.78
CA LYS A 40 -6.04 0.85 -27.96
C LYS A 40 -5.57 -0.58 -27.81
N ASP A 41 -4.35 -0.77 -27.26
CA ASP A 41 -3.79 -2.11 -27.18
C ASP A 41 -4.56 -2.98 -26.17
N GLN A 42 -5.13 -2.37 -25.12
CA GLN A 42 -5.85 -3.12 -24.10
C GLN A 42 -7.06 -3.86 -24.66
N GLU A 43 -7.57 -3.45 -25.81
CA GLU A 43 -8.75 -4.05 -26.42
C GLU A 43 -8.43 -5.23 -27.32
N VAL A 44 -7.16 -5.44 -27.65
CA VAL A 44 -6.77 -6.49 -28.58
C VAL A 44 -6.94 -7.85 -27.90
N GLN A 45 -7.65 -8.76 -28.57
CA GLN A 45 -7.84 -10.10 -28.07
C GLN A 45 -6.60 -10.95 -28.31
N GLY A 46 -6.29 -11.81 -27.36
CA GLY A 46 -5.23 -12.78 -27.53
C GLY A 46 -4.62 -13.25 -26.23
N PRO A 47 -3.74 -14.25 -26.31
CA PRO A 47 -3.18 -14.85 -25.10
C PRO A 47 -2.19 -13.96 -24.38
N HIS A 48 -1.73 -12.91 -25.05
CA HIS A 48 -0.84 -11.91 -24.46
C HIS A 48 -1.55 -11.01 -23.46
N ARG A 49 -2.87 -11.10 -23.33
CA ARG A 49 -3.68 -10.19 -22.52
C ARG A 49 -4.14 -10.95 -21.29
N ILE A 50 -3.62 -10.57 -20.13
CA ILE A 50 -3.90 -11.27 -18.87
C ILE A 50 -4.85 -10.42 -18.04
N LEU A 51 -5.95 -11.05 -17.58
CA LEU A 51 -6.96 -10.38 -16.77
C LEU A 51 -6.65 -10.55 -15.29
N GLU A 52 -7.15 -9.61 -14.50
CA GLU A 52 -7.13 -9.80 -13.06
C GLU A 52 -7.92 -11.07 -12.72
N GLU A 53 -7.70 -11.59 -11.52
CA GLU A 53 -8.43 -12.78 -11.11
C GLU A 53 -9.94 -12.52 -11.07
N ASP A 54 -10.35 -11.29 -10.74
CA ASP A 54 -11.78 -10.98 -10.72
C ASP A 54 -12.34 -10.68 -12.10
N GLY A 55 -11.49 -10.64 -13.13
CA GLY A 55 -11.94 -10.51 -14.49
C GLY A 55 -12.47 -9.14 -14.86
N ARG A 56 -12.39 -8.16 -13.96
CA ARG A 56 -12.98 -6.86 -14.22
C ARG A 56 -12.07 -5.96 -15.07
N THR A 57 -10.76 -6.12 -14.98
CA THR A 57 -9.86 -5.30 -15.79
C THR A 57 -8.67 -6.15 -16.24
N VAL A 58 -7.95 -5.60 -17.20
CA VAL A 58 -6.67 -6.14 -17.60
C VAL A 58 -5.67 -5.96 -16.48
N ARG A 59 -4.88 -7.01 -16.23
CA ARG A 59 -3.76 -6.99 -15.29
C ARG A 59 -2.42 -6.82 -15.99
N ALA A 60 -2.25 -7.40 -17.17
CA ALA A 60 -0.97 -7.30 -17.86
C ALA A 60 -1.20 -7.49 -19.34
N LEU A 61 -0.37 -6.81 -20.12
CA LEU A 61 -0.31 -6.96 -21.57
C LEU A 61 1.12 -7.28 -21.97
N TYR A 62 1.28 -8.23 -22.88
CA TYR A 62 2.58 -8.59 -23.43
C TYR A 62 2.73 -8.14 -24.87
N ALA A 63 3.95 -7.71 -25.21
CA ALA A 63 4.39 -7.50 -26.58
C ALA A 63 3.64 -6.37 -27.27
N SER A 64 3.26 -5.33 -26.53
CA SER A 64 2.60 -4.19 -27.15
C SER A 64 3.45 -3.51 -28.21
N HIS A 65 4.77 -3.66 -28.17
CA HIS A 65 5.63 -3.08 -29.20
C HIS A 65 5.45 -3.73 -30.56
N THR A 66 4.88 -4.94 -30.62
CA THR A 66 4.61 -5.57 -31.90
C THR A 66 3.29 -5.11 -32.52
N ARG A 67 2.51 -4.32 -31.81
CA ARG A 67 1.19 -3.91 -32.26
C ARG A 67 0.99 -2.41 -32.34
N GLN A 68 1.69 -1.61 -31.53
CA GLN A 68 1.57 -0.16 -31.54
C GLN A 68 2.91 0.46 -31.87
N SER A 69 2.93 1.27 -32.93
CA SER A 69 4.17 1.89 -33.40
C SER A 69 4.90 2.64 -32.29
N VAL A 70 4.19 3.40 -31.46
CA VAL A 70 4.87 4.20 -30.45
C VAL A 70 5.61 3.33 -29.46
N PHE A 71 5.11 2.12 -29.19
CA PHE A 71 5.84 1.28 -28.25
C PHE A 71 7.05 0.62 -28.90
N ASP A 72 6.99 0.36 -30.22
CA ASP A 72 8.19 0.01 -30.96
C ASP A 72 9.22 1.15 -30.90
N GLN A 73 8.79 2.38 -31.23
CA GLN A 73 9.67 3.54 -31.10
C GLN A 73 10.28 3.62 -29.69
N LEU A 74 9.43 3.55 -28.67
CA LEU A 74 9.91 3.63 -27.30
C LEU A 74 11.04 2.63 -27.05
N SER A 75 10.86 1.40 -27.51
CA SER A 75 11.81 0.34 -27.20
C SER A 75 13.17 0.57 -27.84
N ARG A 76 13.23 1.41 -28.88
CA ARG A 76 14.47 1.75 -29.55
C ARG A 76 15.00 3.13 -29.17
N SER A 77 14.32 3.85 -28.30
N SER A 77 14.31 3.83 -28.28
CA SER A 77 14.72 5.20 -27.96
CA SER A 77 14.72 5.19 -27.92
C SER A 77 16.04 5.20 -27.22
C SER A 77 16.07 5.19 -27.21
N ASP A 78 16.93 6.13 -27.59
CA ASP A 78 18.20 6.22 -26.89
C ASP A 78 18.01 6.61 -25.43
N ARG A 79 16.83 7.11 -25.05
CA ARG A 79 16.59 7.41 -23.65
C ARG A 79 16.42 6.16 -22.81
N LEU A 80 16.10 5.02 -23.44
CA LEU A 80 16.13 3.72 -22.75
C LEU A 80 17.39 2.93 -23.08
N LEU A 81 17.75 2.85 -24.37
CA LEU A 81 18.87 1.99 -24.77
C LEU A 81 20.22 2.57 -24.37
N GLY A 82 20.34 3.89 -24.32
CA GLY A 82 21.56 4.52 -23.86
C GLY A 82 21.90 4.03 -22.46
N PRO A 83 20.98 4.22 -21.52
CA PRO A 83 21.26 3.77 -20.14
C PRO A 83 21.43 2.27 -20.04
N ALA A 84 20.58 1.48 -20.73
CA ALA A 84 20.70 0.03 -20.64
C ALA A 84 22.06 -0.43 -21.14
N THR A 85 22.57 0.20 -22.21
CA THR A 85 23.87 -0.19 -22.76
C THR A 85 25.02 0.23 -21.83
N GLN A 86 24.89 1.38 -21.15
CA GLN A 86 25.90 1.75 -20.16
C GLN A 86 26.03 0.67 -19.09
N LEU A 87 24.90 0.10 -18.65
CA LEU A 87 24.92 -0.81 -17.52
C LEU A 87 25.39 -2.20 -17.91
N LEU A 88 25.08 -2.66 -19.12
CA LEU A 88 25.44 -4.00 -19.54
C LEU A 88 26.61 -4.06 -20.51
N GLU A 89 26.94 -2.95 -21.18
CA GLU A 89 28.10 -2.87 -22.06
C GLU A 89 28.09 -3.97 -23.12
N CYS A 90 26.99 -4.06 -23.85
CA CYS A 90 26.86 -5.07 -24.89
C CYS A 90 25.72 -4.68 -25.83
N ASP A 91 25.64 -5.42 -26.94
CA ASP A 91 24.48 -5.36 -27.81
C ASP A 91 23.28 -5.95 -27.09
N LEU A 92 22.09 -5.45 -27.40
CA LEU A 92 20.88 -5.79 -26.63
C LEU A 92 19.72 -6.08 -27.56
N TYR A 93 18.78 -6.87 -27.05
CA TYR A 93 17.53 -7.14 -27.72
C TYR A 93 16.47 -7.31 -26.64
N ILE A 94 15.21 -7.32 -27.07
CA ILE A 94 14.07 -7.37 -26.14
C ILE A 94 13.79 -8.81 -25.75
N HIS A 95 14.00 -9.12 -24.46
CA HIS A 95 13.66 -10.42 -23.90
C HIS A 95 12.18 -10.47 -23.52
N GLN A 96 11.66 -9.37 -22.99
CA GLN A 96 10.27 -9.32 -22.58
C GLN A 96 9.80 -7.88 -22.60
N PHE A 97 8.58 -7.67 -23.09
CA PHE A 97 7.91 -6.36 -23.09
C PHE A 97 6.55 -6.56 -22.45
N LYS A 98 6.32 -5.92 -21.31
CA LYS A 98 5.05 -6.04 -20.64
C LYS A 98 4.60 -4.69 -20.12
N ILE A 99 3.28 -4.55 -20.01
CA ILE A 99 2.68 -3.43 -19.30
C ILE A 99 1.79 -4.01 -18.22
N ASN A 100 2.13 -3.73 -16.97
CA ASN A 100 1.36 -4.20 -15.81
C ASN A 100 0.41 -3.07 -15.42
N THR A 101 -0.86 -3.25 -15.76
N THR A 101 -0.84 -3.24 -15.83
CA THR A 101 -1.89 -2.21 -15.70
CA THR A 101 -1.89 -2.24 -15.70
C THR A 101 -2.71 -2.41 -14.43
C THR A 101 -2.62 -2.51 -14.40
N LYS A 102 -2.27 -1.79 -13.34
CA LYS A 102 -2.88 -2.01 -12.04
C LYS A 102 -3.99 -1.00 -11.81
N ARG A 103 -5.23 -1.43 -11.96
CA ARG A 103 -6.35 -0.49 -11.98
C ARG A 103 -6.55 0.19 -10.64
N ALA A 104 -7.09 1.39 -10.70
CA ALA A 104 -7.65 2.05 -9.53
C ALA A 104 -8.73 1.18 -8.92
N PHE A 105 -8.93 1.34 -7.60
CA PHE A 105 -10.06 0.70 -6.92
C PHE A 105 -9.97 -0.81 -7.04
N GLY A 106 -8.78 -1.35 -6.73
CA GLY A 106 -8.66 -2.77 -6.51
C GLY A 106 -7.69 -3.55 -7.36
N GLY A 107 -6.90 -2.89 -8.20
CA GLY A 107 -5.84 -3.58 -8.94
C GLY A 107 -4.97 -4.42 -8.04
N ASP A 108 -4.74 -5.68 -8.41
CA ASP A 108 -4.18 -6.65 -7.49
C ASP A 108 -2.65 -6.52 -7.39
N SER A 109 -2.12 -7.15 -6.34
CA SER A 109 -0.70 -7.12 -6.00
C SER A 109 0.11 -8.00 -6.96
N TRP A 110 1.42 -7.80 -6.90
CA TRP A 110 2.43 -8.65 -7.54
C TRP A 110 3.31 -9.21 -6.43
N ALA A 111 3.37 -10.53 -6.35
CA ALA A 111 4.08 -11.22 -5.29
C ALA A 111 5.55 -10.82 -5.27
N TRP A 112 6.15 -10.90 -4.08
CA TRP A 112 7.59 -10.69 -3.94
C TRP A 112 8.35 -11.77 -4.68
N HIS A 113 9.34 -11.38 -5.48
CA HIS A 113 10.05 -12.35 -6.30
C HIS A 113 11.34 -11.74 -6.84
N GLN A 114 12.20 -12.62 -7.38
CA GLN A 114 13.25 -12.26 -8.33
C GLN A 114 12.83 -12.69 -9.72
N ASP A 115 13.25 -11.91 -10.74
CA ASP A 115 12.91 -12.25 -12.12
C ASP A 115 13.78 -13.37 -12.66
N PHE A 116 15.09 -13.35 -12.39
CA PHE A 116 16.01 -14.18 -13.14
C PHE A 116 15.70 -15.66 -12.99
N ILE A 117 15.46 -16.12 -11.76
CA ILE A 117 15.28 -17.56 -11.57
C ILE A 117 14.13 -18.07 -12.43
N VAL A 118 13.10 -17.25 -12.62
CA VAL A 118 11.96 -17.66 -13.44
C VAL A 118 12.42 -17.93 -14.87
N TRP A 119 13.18 -16.99 -15.43
CA TRP A 119 13.63 -17.14 -16.80
C TRP A 119 14.68 -18.23 -16.92
N ARG A 120 15.52 -18.41 -15.91
CA ARG A 120 16.51 -19.49 -15.92
C ARG A 120 15.83 -20.85 -15.95
N ASP A 121 14.87 -21.07 -15.04
CA ASP A 121 14.26 -22.38 -14.88
C ASP A 121 13.18 -22.64 -15.92
N THR A 122 12.41 -21.62 -16.30
CA THR A 122 11.36 -21.82 -17.29
C THR A 122 11.90 -21.80 -18.72
N ASP A 123 12.83 -20.91 -19.00
CA ASP A 123 13.20 -20.58 -20.37
C ASP A 123 14.65 -20.88 -20.70
N GLY A 124 15.46 -21.30 -19.72
CA GLY A 124 16.85 -21.58 -20.01
C GLY A 124 17.69 -20.34 -20.23
N LEU A 125 17.28 -19.20 -19.68
CA LEU A 125 18.12 -18.02 -19.72
C LEU A 125 19.42 -18.32 -18.97
N PRO A 126 20.59 -18.20 -19.61
CA PRO A 126 21.82 -18.68 -18.94
C PRO A 126 22.23 -17.86 -17.72
N ALA A 127 22.17 -16.54 -17.79
CA ALA A 127 22.79 -15.68 -16.79
C ALA A 127 21.97 -14.40 -16.67
N PRO A 128 22.12 -13.67 -15.57
CA PRO A 128 21.36 -12.43 -15.36
C PRO A 128 21.97 -11.21 -16.07
N ARG A 129 22.38 -11.42 -17.32
CA ARG A 129 22.95 -10.37 -18.18
C ARG A 129 21.84 -9.61 -18.89
N ALA A 130 20.93 -9.06 -18.08
CA ALA A 130 19.75 -8.35 -18.56
C ALA A 130 19.45 -7.19 -17.60
N VAL A 131 18.60 -6.27 -18.05
CA VAL A 131 18.17 -5.14 -17.24
C VAL A 131 16.70 -4.87 -17.50
N ASN A 132 15.94 -4.63 -16.44
CA ASN A 132 14.55 -4.23 -16.55
C ASN A 132 14.48 -2.71 -16.62
N VAL A 133 13.73 -2.21 -17.59
CA VAL A 133 13.56 -0.77 -17.80
C VAL A 133 12.08 -0.44 -17.66
N GLY A 134 11.72 0.21 -16.54
CA GLY A 134 10.36 0.62 -16.32
C GLY A 134 10.11 2.02 -16.84
N VAL A 135 8.94 2.23 -17.39
CA VAL A 135 8.49 3.53 -17.85
C VAL A 135 7.14 3.78 -17.21
N PHE A 136 7.04 4.85 -16.43
CA PHE A 136 5.82 5.19 -15.71
C PHE A 136 4.82 5.80 -16.69
N LEU A 137 3.73 5.09 -16.96
CA LEU A 137 2.66 5.66 -17.75
C LEU A 137 1.59 6.30 -16.90
N SER A 138 1.72 6.19 -15.58
CA SER A 138 0.93 6.89 -14.59
C SER A 138 1.91 7.51 -13.61
N ASP A 139 1.49 8.59 -12.94
CA ASP A 139 2.22 9.05 -11.76
C ASP A 139 2.26 7.92 -10.74
N VAL A 140 3.44 7.64 -10.22
CA VAL A 140 3.63 6.58 -9.23
C VAL A 140 3.83 7.24 -7.87
N THR A 141 2.94 6.93 -6.93
CA THR A 141 2.95 7.51 -5.59
C THR A 141 2.97 6.39 -4.56
N GLU A 142 2.99 6.77 -3.27
CA GLU A 142 2.88 5.74 -2.23
C GLU A 142 1.51 5.06 -2.19
N PHE A 143 0.53 5.59 -2.91
CA PHE A 143 -0.85 5.18 -2.74
C PHE A 143 -1.35 4.23 -3.81
N ASN A 144 -0.69 4.12 -4.97
CA ASN A 144 -1.25 3.35 -6.08
C ASN A 144 -0.43 2.11 -6.42
N GLY A 145 0.16 1.48 -5.40
CA GLY A 145 0.76 0.18 -5.56
C GLY A 145 2.06 0.22 -6.32
N PRO A 146 2.98 1.09 -5.92
CA PRO A 146 4.28 1.15 -6.59
C PRO A 146 5.07 -0.13 -6.45
N VAL A 147 5.97 -0.37 -7.42
CA VAL A 147 7.00 -1.39 -7.19
C VAL A 147 7.78 -1.02 -5.95
N VAL A 148 7.95 -1.99 -5.06
CA VAL A 148 8.82 -1.88 -3.89
C VAL A 148 10.01 -2.80 -4.10
N PHE A 149 11.22 -2.29 -3.86
CA PHE A 149 12.44 -3.08 -3.93
C PHE A 149 12.96 -3.32 -2.53
N LEU A 150 13.63 -4.46 -2.32
CA LEU A 150 14.50 -4.61 -1.15
C LEU A 150 15.87 -4.13 -1.59
N SER A 151 16.25 -2.94 -1.12
CA SER A 151 17.41 -2.25 -1.69
C SER A 151 18.66 -3.10 -1.53
N GLY A 152 19.40 -3.28 -2.63
CA GLY A 152 20.65 -4.02 -2.62
C GLY A 152 20.50 -5.52 -2.57
N SER A 153 19.26 -6.04 -2.66
CA SER A 153 19.06 -7.47 -2.46
C SER A 153 19.52 -8.31 -3.63
N HIS A 154 19.90 -7.68 -4.76
CA HIS A 154 20.44 -8.42 -5.89
C HIS A 154 21.86 -8.90 -5.62
N GLN A 155 22.56 -8.30 -4.66
CA GLN A 155 23.95 -8.70 -4.41
C GLN A 155 24.04 -10.15 -3.93
N ARG A 156 22.98 -10.66 -3.31
CA ARG A 156 22.98 -12.06 -2.89
C ARG A 156 23.00 -13.02 -4.07
N GLY A 157 22.68 -12.55 -5.27
CA GLY A 157 22.47 -13.48 -6.36
C GLY A 157 21.10 -14.13 -6.27
N THR A 158 20.98 -15.32 -6.85
CA THR A 158 19.70 -15.99 -6.96
C THR A 158 19.44 -16.82 -5.71
N VAL A 159 18.25 -16.65 -5.13
CA VAL A 159 17.82 -17.42 -3.97
C VAL A 159 17.03 -18.62 -4.49
N GLU A 160 17.62 -19.80 -4.37
CA GLU A 160 17.06 -20.98 -5.01
C GLU A 160 15.71 -21.34 -4.43
N ARG A 161 14.82 -21.81 -5.31
CA ARG A 161 13.52 -22.34 -4.93
C ARG A 161 12.99 -23.16 -6.10
N LYS A 162 12.04 -24.03 -5.80
CA LYS A 162 11.33 -24.79 -6.82
C LYS A 162 10.01 -24.11 -7.17
N ALA A 163 9.62 -24.22 -8.44
CA ALA A 163 8.34 -23.67 -8.87
C ALA A 163 7.19 -24.33 -8.12
N ARG A 164 6.17 -23.53 -7.79
CA ARG A 164 4.98 -24.08 -7.15
C ARG A 164 4.42 -25.21 -8.00
N GLU A 165 3.82 -26.20 -7.32
CA GLU A 165 3.30 -27.38 -8.02
C GLU A 165 2.35 -26.97 -9.15
N THR A 166 1.41 -26.09 -8.86
CA THR A 166 0.45 -25.61 -9.83
C THR A 166 0.70 -24.13 -10.12
N SER A 167 0.48 -23.75 -11.38
CA SER A 167 0.69 -22.37 -11.82
C SER A 167 -0.56 -21.55 -11.63
N ARG A 168 -0.39 -20.27 -11.32
CA ARG A 168 -1.54 -19.38 -11.20
C ARG A 168 -2.16 -19.08 -12.56
N SER A 169 -1.35 -19.01 -13.62
CA SER A 169 -1.81 -18.63 -14.95
C SER A 169 -1.16 -19.53 -15.99
N ASP A 170 -1.91 -19.85 -17.04
CA ASP A 170 -1.35 -20.56 -18.19
C ASP A 170 -0.97 -19.62 -19.32
N GLN A 171 -1.04 -18.30 -19.11
CA GLN A 171 -0.65 -17.35 -20.13
C GLN A 171 0.73 -16.77 -19.90
N HIS A 172 1.20 -16.77 -18.66
CA HIS A 172 2.54 -16.32 -18.29
C HIS A 172 2.87 -16.95 -16.94
N VAL A 173 4.06 -16.66 -16.43
CA VAL A 173 4.45 -17.11 -15.10
C VAL A 173 4.17 -15.95 -14.16
N ASP A 174 3.07 -16.03 -13.42
CA ASP A 174 2.83 -15.05 -12.37
C ASP A 174 3.89 -15.23 -11.29
N PRO A 175 4.46 -14.14 -10.76
CA PRO A 175 5.49 -14.27 -9.73
C PRO A 175 5.05 -15.06 -8.50
N ASP A 176 3.74 -15.20 -8.25
CA ASP A 176 3.26 -16.12 -7.22
C ASP A 176 3.94 -17.49 -7.33
N ASP A 177 4.15 -17.95 -8.56
CA ASP A 177 4.68 -19.29 -8.78
C ASP A 177 6.09 -19.45 -8.21
N TYR A 178 6.82 -18.35 -8.04
CA TYR A 178 8.22 -18.34 -7.58
C TYR A 178 8.39 -17.33 -6.46
N SER A 179 7.40 -17.22 -5.59
N SER A 179 7.39 -17.22 -5.58
CA SER A 179 7.39 -16.15 -4.61
CA SER A 179 7.38 -16.17 -4.59
C SER A 179 8.40 -16.41 -3.48
C SER A 179 8.41 -16.40 -3.49
N MET A 180 8.96 -15.30 -2.99
CA MET A 180 9.83 -15.37 -1.81
C MET A 180 9.01 -15.84 -0.62
N THR A 181 9.66 -16.59 0.28
CA THR A 181 8.93 -16.99 1.48
C THR A 181 8.96 -15.88 2.51
N PRO A 182 7.98 -15.85 3.40
CA PRO A 182 8.04 -14.88 4.51
C PRO A 182 9.35 -14.94 5.29
N ALA A 183 9.89 -16.13 5.54
CA ALA A 183 11.14 -16.22 6.27
C ALA A 183 12.28 -15.55 5.51
N GLU A 184 12.40 -15.81 4.21
CA GLU A 184 13.43 -15.17 3.40
C GLU A 184 13.29 -13.65 3.45
N LEU A 185 12.06 -13.16 3.28
CA LEU A 185 11.84 -11.72 3.23
C LEU A 185 12.12 -11.08 4.57
N SER A 186 11.73 -11.74 5.66
CA SER A 186 12.00 -11.22 6.99
C SER A 186 13.50 -11.13 7.26
N GLN A 187 14.25 -12.17 6.92
CA GLN A 187 15.70 -12.12 7.12
C GLN A 187 16.32 -11.01 6.30
N MET A 188 15.89 -10.87 5.05
CA MET A 188 16.55 -10.01 4.08
C MET A 188 16.30 -8.53 4.35
N VAL A 189 15.15 -8.18 4.94
CA VAL A 189 14.75 -6.79 4.93
C VAL A 189 15.57 -5.94 5.88
N GLU A 190 16.26 -6.55 6.85
CA GLU A 190 17.06 -5.75 7.78
CA GLU A 190 17.06 -5.75 7.78
C GLU A 190 18.21 -5.05 7.05
N LYS A 191 18.95 -5.81 6.23
CA LYS A 191 20.05 -5.25 5.46
C LYS A 191 19.62 -4.65 4.14
N HIS A 192 18.43 -5.00 3.66
CA HIS A 192 17.94 -4.61 2.33
C HIS A 192 16.56 -4.01 2.50
N PRO A 193 16.49 -2.76 2.95
CA PRO A 193 15.20 -2.19 3.31
C PRO A 193 14.30 -1.91 2.12
N MET A 194 13.02 -1.87 2.40
CA MET A 194 12.03 -1.53 1.40
C MET A 194 12.18 -0.10 0.93
N VAL A 195 12.19 0.08 -0.39
N VAL A 195 12.18 0.08 -0.39
CA VAL A 195 12.24 1.40 -1.01
CA VAL A 195 12.26 1.39 -1.01
C VAL A 195 11.36 1.35 -2.25
C VAL A 195 11.41 1.37 -2.28
N SER A 196 10.72 2.47 -2.55
CA SER A 196 9.85 2.56 -3.72
C SER A 196 10.10 3.86 -4.47
N PRO A 197 10.63 3.79 -5.69
CA PRO A 197 10.69 4.99 -6.53
C PRO A 197 9.29 5.56 -6.76
N LYS A 198 9.18 6.86 -6.63
CA LYS A 198 7.93 7.57 -6.81
C LYS A 198 8.23 8.81 -7.64
N ALA A 199 7.46 8.99 -8.71
CA ALA A 199 7.75 10.08 -9.64
C ALA A 199 6.59 10.21 -10.62
N ALA A 200 6.60 11.31 -11.37
CA ALA A 200 5.53 11.56 -12.32
C ALA A 200 5.62 10.65 -13.53
N SER A 201 4.50 10.52 -14.23
CA SER A 201 4.51 9.78 -15.48
C SER A 201 5.59 10.34 -16.40
N GLY A 202 6.17 9.44 -17.20
CA GLY A 202 7.29 9.77 -18.07
C GLY A 202 8.64 9.47 -17.46
N SER A 203 8.68 9.16 -16.17
CA SER A 203 9.91 8.77 -15.51
C SER A 203 10.28 7.34 -15.87
N VAL A 204 11.57 7.05 -15.80
CA VAL A 204 12.16 5.77 -16.16
C VAL A 204 12.86 5.19 -14.94
N MET A 205 12.70 3.88 -14.74
CA MET A 205 13.25 3.15 -13.59
C MET A 205 13.99 1.92 -14.11
N LEU A 206 15.31 1.85 -13.93
CA LEU A 206 16.07 0.66 -14.31
C LEU A 206 16.30 -0.22 -13.08
N PHE A 207 16.10 -1.54 -13.21
CA PHE A 207 16.34 -2.41 -12.07
C PHE A 207 16.83 -3.78 -12.49
N HIS A 208 17.57 -4.40 -11.58
CA HIS A 208 18.34 -5.61 -11.80
C HIS A 208 17.45 -6.85 -11.77
N PRO A 209 17.73 -7.86 -12.60
CA PRO A 209 16.85 -9.02 -12.64
C PRO A 209 16.93 -9.92 -11.42
N GLU A 210 17.85 -9.66 -10.48
CA GLU A 210 17.91 -10.43 -9.24
C GLU A 210 17.53 -9.63 -8.01
N ILE A 211 17.08 -8.38 -8.16
CA ILE A 211 16.59 -7.66 -7.00
C ILE A 211 15.22 -8.22 -6.60
N ILE A 212 14.99 -8.33 -5.32
CA ILE A 212 13.69 -8.75 -4.82
C ILE A 212 12.74 -7.56 -4.91
N HIS A 213 11.60 -7.77 -5.58
CA HIS A 213 10.63 -6.71 -5.78
C HIS A 213 9.24 -7.30 -5.73
N GLY A 214 8.27 -6.43 -5.47
CA GLY A 214 6.87 -6.79 -5.34
C GLY A 214 6.05 -5.53 -5.26
N SER A 215 4.73 -5.68 -5.24
CA SER A 215 3.91 -4.48 -5.14
C SER A 215 2.53 -4.81 -4.59
N ALA A 216 1.93 -3.85 -3.92
CA ALA A 216 0.70 -4.05 -3.16
C ALA A 216 -0.53 -3.74 -4.00
N PRO A 217 -1.73 -4.09 -3.51
CA PRO A 217 -2.94 -3.71 -4.25
C PRO A 217 -3.12 -2.21 -4.27
N ASN A 218 -3.76 -1.74 -5.31
CA ASN A 218 -4.03 -0.33 -5.53
C ASN A 218 -5.46 -0.03 -5.08
N ILE A 219 -5.61 0.53 -3.87
CA ILE A 219 -6.92 0.93 -3.33
C ILE A 219 -7.27 2.36 -3.70
N SER A 220 -6.38 3.07 -4.38
CA SER A 220 -6.56 4.48 -4.64
C SER A 220 -7.49 4.72 -5.83
N PRO A 221 -7.89 5.96 -6.03
CA PRO A 221 -8.68 6.31 -7.21
C PRO A 221 -7.85 6.52 -8.47
N PHE A 222 -6.55 6.22 -8.43
CA PHE A 222 -5.63 6.46 -9.55
C PHE A 222 -5.01 5.15 -10.01
N ALA A 223 -5.08 4.90 -11.31
CA ALA A 223 -4.46 3.73 -11.89
C ALA A 223 -2.94 3.84 -11.83
N ARG A 224 -2.28 2.70 -12.01
CA ARG A 224 -0.82 2.63 -12.01
C ARG A 224 -0.41 1.74 -13.19
N ASP A 225 -0.23 2.35 -14.35
CA ASP A 225 0.17 1.60 -15.54
C ASP A 225 1.69 1.67 -15.68
N LEU A 226 2.35 0.53 -15.53
CA LEU A 226 3.80 0.45 -15.48
C LEU A 226 4.27 -0.43 -16.64
N LEU A 227 5.02 0.17 -17.54
CA LEU A 227 5.59 -0.54 -18.66
C LEU A 227 7.00 -0.98 -18.29
N ILE A 228 7.34 -2.23 -18.59
CA ILE A 228 8.66 -2.77 -18.29
C ILE A 228 9.20 -3.47 -19.53
N ILE A 229 10.34 -3.00 -20.03
CA ILE A 229 11.06 -3.66 -21.11
C ILE A 229 12.28 -4.31 -20.50
N THR A 230 12.43 -5.62 -20.72
CA THR A 230 13.60 -6.35 -20.27
C THR A 230 14.54 -6.51 -21.46
N TYR A 231 15.67 -5.80 -21.43
CA TYR A 231 16.67 -5.94 -22.47
C TYR A 231 17.69 -7.00 -22.05
N ASN A 232 18.10 -7.81 -23.00
CA ASN A 232 19.01 -8.91 -22.74
C ASN A 232 20.22 -8.83 -23.66
N ASP A 233 21.37 -9.20 -23.14
CA ASP A 233 22.57 -9.37 -23.94
C ASP A 233 22.29 -10.34 -25.09
N VAL A 234 22.62 -9.94 -26.31
CA VAL A 234 22.40 -10.83 -27.47
C VAL A 234 23.18 -12.12 -27.32
N ALA A 235 24.29 -12.10 -26.57
CA ALA A 235 25.07 -13.31 -26.34
C ALA A 235 24.50 -14.19 -25.24
N ASN A 236 23.44 -13.72 -24.58
CA ASN A 236 22.82 -14.42 -23.46
C ASN A 236 21.43 -14.93 -23.82
N ALA A 237 21.22 -15.29 -25.08
CA ALA A 237 19.91 -15.73 -25.52
C ALA A 237 19.50 -17.01 -24.78
N PRO A 238 18.22 -17.18 -24.46
CA PRO A 238 17.78 -18.42 -23.81
C PRO A 238 18.13 -19.67 -24.61
N LYS A 239 18.33 -20.75 -23.86
CA LYS A 239 18.64 -22.07 -24.42
C LYS A 239 17.67 -23.04 -23.77
N PRO A 240 16.40 -23.04 -24.20
CA PRO A 240 15.38 -23.84 -23.51
C PRO A 240 15.61 -25.33 -23.67
N ALA A 241 15.03 -26.08 -22.72
CA ALA A 241 15.10 -27.54 -22.73
C ALA A 241 13.99 -28.17 -23.57
N GLY A 242 12.75 -27.80 -23.30
CA GLY A 242 11.61 -28.27 -24.06
C GLY A 242 11.19 -27.28 -25.12
N GLU A 243 9.89 -27.24 -25.41
CA GLU A 243 9.38 -26.28 -26.37
C GLU A 243 9.45 -24.87 -25.77
N PRO A 244 9.91 -23.88 -26.53
CA PRO A 244 9.96 -22.52 -25.97
C PRO A 244 8.57 -21.96 -25.75
N ARG A 245 8.47 -21.11 -24.73
CA ARG A 245 7.25 -20.37 -24.49
C ARG A 245 6.99 -19.43 -25.66
N PRO A 246 5.78 -18.87 -25.75
CA PRO A 246 5.45 -18.01 -26.89
C PRO A 246 6.36 -16.79 -26.97
N GLU A 247 6.55 -16.32 -28.20
CA GLU A 247 7.36 -15.14 -28.44
C GLU A 247 6.79 -13.91 -27.74
N TYR A 248 5.47 -13.87 -27.50
CA TYR A 248 4.92 -12.69 -26.83
C TYR A 248 5.46 -12.54 -25.41
N VAL A 249 5.88 -13.63 -24.76
CA VAL A 249 6.39 -13.52 -23.40
C VAL A 249 7.91 -13.63 -23.38
N ILE A 250 8.52 -14.36 -24.31
CA ILE A 250 9.98 -14.54 -24.32
C ILE A 250 10.50 -14.25 -25.74
N GLY A 251 11.22 -13.14 -25.88
CA GLY A 251 11.68 -12.72 -27.19
C GLY A 251 12.65 -13.71 -27.81
N ARG A 252 12.61 -13.77 -29.13
CA ARG A 252 13.43 -14.67 -29.93
C ARG A 252 14.31 -13.97 -30.95
N ASP A 253 13.95 -12.76 -31.38
CA ASP A 253 14.73 -12.04 -32.39
C ASP A 253 15.90 -11.34 -31.69
N THR A 254 17.10 -11.91 -31.83
CA THR A 254 18.27 -11.37 -31.14
C THR A 254 19.05 -10.36 -31.98
N THR A 255 18.44 -9.81 -33.02
CA THR A 255 19.10 -8.75 -33.77
C THR A 255 19.41 -7.59 -32.81
N PRO A 256 20.64 -7.07 -32.79
CA PRO A 256 20.93 -5.93 -31.91
C PRO A 256 20.08 -4.72 -32.25
N LEU A 257 19.51 -4.11 -31.21
CA LEU A 257 18.73 -2.89 -31.37
C LEU A 257 19.64 -1.68 -31.55
N VAL A 258 19.27 -0.81 -32.48
CA VAL A 258 20.00 0.43 -32.74
C VAL A 258 19.19 1.58 -32.17
N SER A 259 19.78 2.32 -31.24
CA SER A 259 19.05 3.40 -30.60
C SER A 259 18.76 4.51 -31.60
N ARG A 260 17.68 5.25 -31.31
CA ARG A 260 17.20 6.33 -32.13
C ARG A 260 16.87 7.51 -31.22
N SER A 261 17.12 8.72 -31.71
CA SER A 261 16.80 9.92 -30.97
C SER A 261 15.47 10.49 -31.48
N GLY A 262 14.99 11.52 -30.79
CA GLY A 262 13.81 12.22 -31.23
C GLY A 262 12.58 11.82 -30.44
N PRO A 263 11.51 12.60 -30.57
CA PRO A 263 10.33 12.39 -29.75
C PRO A 263 9.46 11.25 -30.25
N LEU A 264 8.69 10.69 -29.32
CA LEU A 264 7.72 9.67 -29.66
C LEU A 264 6.48 10.31 -30.27
N HIS A 265 5.86 9.60 -31.22
CA HIS A 265 4.65 10.08 -31.88
C HIS A 265 3.70 8.92 -32.25
N GLN B 5 -0.36 19.42 25.75
CA GLN B 5 -1.25 20.41 25.13
C GLN B 5 -0.95 20.57 23.64
N LEU B 6 -2.00 20.62 22.85
CA LEU B 6 -1.89 21.01 21.44
C LEU B 6 -1.59 22.49 21.34
N THR B 7 -0.68 22.82 20.43
CA THR B 7 -0.42 24.21 20.12
C THR B 7 -1.60 24.77 19.34
N ALA B 8 -1.64 26.11 19.22
CA ALA B 8 -2.69 26.76 18.43
C ALA B 8 -2.61 26.31 16.98
N ASP B 9 -1.40 26.11 16.46
CA ASP B 9 -1.23 25.60 15.10
C ASP B 9 -1.80 24.20 14.96
N GLN B 10 -1.58 23.34 15.96
CA GLN B 10 -2.11 21.97 15.89
C GLN B 10 -3.64 21.96 15.94
N VAL B 11 -4.23 22.82 16.76
CA VAL B 11 -5.69 22.91 16.78
C VAL B 11 -6.22 23.32 15.42
N GLU B 12 -5.61 24.34 14.80
N GLU B 12 -5.61 24.32 14.80
CA GLU B 12 -6.09 24.75 13.49
CA GLU B 12 -6.08 24.77 13.50
C GLU B 12 -5.90 23.64 12.47
C GLU B 12 -5.81 23.72 12.41
N LYS B 13 -4.81 22.86 12.60
CA LYS B 13 -4.57 21.76 11.66
C LYS B 13 -5.69 20.73 11.76
N TYR B 14 -6.07 20.37 12.97
CA TYR B 14 -7.19 19.47 13.16
C TYR B 14 -8.47 20.03 12.52
N LYS B 15 -8.73 21.32 12.75
CA LYS B 15 -9.93 21.95 12.20
C LYS B 15 -9.95 21.94 10.69
N SER B 16 -8.82 22.30 10.05
N SER B 16 -8.82 22.28 10.06
CA SER B 16 -8.83 22.45 8.60
CA SER B 16 -8.82 22.46 8.62
C SER B 16 -8.63 21.13 7.89
C SER B 16 -8.61 21.14 7.88
N ASP B 17 -7.73 20.28 8.38
CA ASP B 17 -7.33 19.10 7.67
C ASP B 17 -8.00 17.84 8.19
N GLY B 18 -8.52 17.88 9.43
CA GLY B 18 -9.25 16.79 10.00
C GLY B 18 -8.42 15.76 10.76
N TYR B 19 -7.12 15.98 10.91
CA TYR B 19 -6.25 15.08 11.66
C TYR B 19 -5.07 15.89 12.17
N VAL B 20 -4.41 15.37 13.21
CA VAL B 20 -3.15 15.93 13.68
C VAL B 20 -2.33 14.82 14.29
N LEU B 21 -1.02 14.88 14.03
CA LEU B 21 -0.06 13.87 14.46
C LEU B 21 0.84 14.43 15.55
N LEU B 22 0.92 13.70 16.67
CA LEU B 22 1.78 14.00 17.83
C LEU B 22 2.85 12.90 17.93
N GLU B 23 4.02 13.13 17.36
CA GLU B 23 5.05 12.10 17.37
C GLU B 23 5.66 11.92 18.75
N GLY B 24 5.98 10.67 19.10
CA GLY B 24 6.76 10.45 20.31
C GLY B 24 6.03 10.69 21.61
N ALA B 25 4.70 10.62 21.60
CA ALA B 25 3.93 10.90 22.81
C ALA B 25 4.22 9.88 23.91
N PHE B 26 4.39 8.61 23.56
CA PHE B 26 4.74 7.53 24.46
C PHE B 26 6.13 7.02 24.12
N SER B 27 6.90 6.70 25.15
N SER B 27 6.90 6.69 25.17
CA SER B 27 8.30 6.33 25.06
CA SER B 27 8.30 6.33 25.11
C SER B 27 8.43 4.85 24.76
C SER B 27 8.45 4.84 24.80
N PRO B 28 9.60 4.40 24.27
CA PRO B 28 9.72 3.00 23.86
C PRO B 28 9.38 2.00 24.95
N GLU B 29 9.71 2.27 26.21
CA GLU B 29 9.39 1.28 27.25
C GLU B 29 7.88 1.20 27.46
N GLU B 30 7.17 2.30 27.23
CA GLU B 30 5.71 2.30 27.31
C GLU B 30 5.12 1.50 26.15
N VAL B 31 5.72 1.64 24.97
CA VAL B 31 5.30 0.84 23.83
C VAL B 31 5.54 -0.65 24.11
N HIS B 32 6.68 -1.00 24.72
CA HIS B 32 6.93 -2.38 25.11
C HIS B 32 5.81 -2.94 25.98
N VAL B 33 5.44 -2.21 27.03
CA VAL B 33 4.37 -2.66 27.93
C VAL B 33 3.06 -2.84 27.17
N MET B 34 2.69 -1.87 26.35
CA MET B 34 1.44 -1.97 25.60
C MET B 34 1.46 -3.10 24.59
N ARG B 35 2.59 -3.30 23.89
CA ARG B 35 2.63 -4.39 22.92
C ARG B 35 2.52 -5.75 23.60
N GLN B 36 3.12 -5.91 24.78
CA GLN B 36 3.00 -7.17 25.48
C GLN B 36 1.56 -7.41 25.89
N ALA B 37 0.88 -6.35 26.31
CA ALA B 37 -0.51 -6.49 26.70
C ALA B 37 -1.40 -6.78 25.50
N LEU B 38 -1.07 -6.23 24.33
CA LEU B 38 -1.78 -6.58 23.10
C LEU B 38 -1.63 -8.07 22.79
N LYS B 39 -0.40 -8.58 22.84
CA LYS B 39 -0.17 -9.99 22.55
C LYS B 39 -0.93 -10.88 23.51
N LYS B 40 -1.01 -10.48 24.78
CA LYS B 40 -1.76 -11.25 25.77
C LYS B 40 -3.26 -11.18 25.47
N ASP B 41 -3.76 -9.98 25.17
CA ASP B 41 -5.19 -9.79 24.94
C ASP B 41 -5.67 -10.51 23.68
N GLN B 42 -4.82 -10.63 22.66
CA GLN B 42 -5.23 -11.29 21.42
C GLN B 42 -5.61 -12.75 21.64
N GLU B 43 -5.16 -13.37 22.73
CA GLU B 43 -5.43 -14.77 23.00
C GLU B 43 -6.75 -15.00 23.72
N VAL B 44 -7.38 -13.95 24.21
CA VAL B 44 -8.65 -14.05 24.91
C VAL B 44 -9.76 -14.27 23.89
N GLN B 45 -10.47 -15.40 24.00
CA GLN B 45 -11.54 -15.69 23.07
C GLN B 45 -12.80 -14.88 23.41
N GLY B 46 -13.59 -14.56 22.38
CA GLY B 46 -14.84 -13.89 22.57
C GLY B 46 -15.29 -13.12 21.35
N PRO B 47 -16.51 -12.58 21.39
CA PRO B 47 -17.06 -11.89 20.22
C PRO B 47 -16.36 -10.59 19.91
N HIS B 48 -15.58 -10.07 20.84
CA HIS B 48 -14.79 -8.86 20.66
C HIS B 48 -13.53 -9.10 19.86
N ARG B 49 -13.23 -10.33 19.48
CA ARG B 49 -12.03 -10.71 18.75
C ARG B 49 -12.42 -11.08 17.32
N ILE B 50 -12.06 -10.23 16.36
CA ILE B 50 -12.43 -10.41 14.97
C ILE B 50 -11.22 -10.93 14.19
N LEU B 51 -11.37 -12.07 13.52
CA LEU B 51 -10.31 -12.62 12.68
C LEU B 51 -10.33 -12.01 11.28
N GLU B 52 -9.16 -12.01 10.63
CA GLU B 52 -9.15 -11.79 9.19
C GLU B 52 -10.05 -12.79 8.51
N GLU B 53 -10.59 -12.42 7.34
CA GLU B 53 -11.38 -13.40 6.59
C GLU B 53 -10.57 -14.64 6.28
N ASP B 54 -9.25 -14.52 6.11
CA ASP B 54 -8.48 -15.71 5.77
C ASP B 54 -8.14 -16.54 7.00
N GLY B 55 -8.59 -16.13 8.19
CA GLY B 55 -8.46 -16.94 9.36
C GLY B 55 -7.06 -17.07 9.96
N ARG B 56 -6.04 -16.40 9.41
CA ARG B 56 -4.68 -16.68 9.87
C ARG B 56 -4.31 -15.90 11.11
N THR B 57 -4.86 -14.69 11.25
CA THR B 57 -4.53 -13.79 12.34
C THR B 57 -5.76 -12.98 12.74
N VAL B 58 -5.66 -12.38 13.92
CA VAL B 58 -6.65 -11.41 14.37
C VAL B 58 -6.55 -10.16 13.51
N ARG B 59 -7.71 -9.62 13.16
CA ARG B 59 -7.86 -8.36 12.43
C ARG B 59 -8.20 -7.19 13.34
N ALA B 60 -9.03 -7.41 14.35
CA ALA B 60 -9.45 -6.33 15.23
C ALA B 60 -9.81 -6.90 16.60
N LEU B 61 -9.65 -6.05 17.60
N LEU B 61 -9.43 -6.16 17.65
CA LEU B 61 -9.80 -6.42 19.00
CA LEU B 61 -9.83 -6.45 19.02
C LEU B 61 -10.51 -5.26 19.69
C LEU B 61 -10.61 -5.25 19.56
N TYR B 62 -11.67 -5.53 20.29
CA TYR B 62 -12.45 -4.50 20.97
C TYR B 62 -12.31 -4.59 22.48
N ALA B 63 -12.27 -3.40 23.10
CA ALA B 63 -12.42 -3.22 24.54
C ALA B 63 -11.26 -3.83 25.35
N SER B 64 -10.04 -3.77 24.81
CA SER B 64 -8.89 -4.27 25.55
C SER B 64 -8.68 -3.55 26.87
N HIS B 65 -9.20 -2.33 27.01
CA HIS B 65 -9.07 -1.60 28.27
C HIS B 65 -9.89 -2.22 29.40
N THR B 66 -10.84 -3.10 29.09
CA THR B 66 -11.58 -3.79 30.14
C THR B 66 -10.86 -5.03 30.64
N ARG B 67 -9.76 -5.43 29.99
CA ARG B 67 -9.06 -6.66 30.35
C ARG B 67 -7.60 -6.46 30.69
N GLN B 68 -6.93 -5.43 30.19
CA GLN B 68 -5.51 -5.22 30.46
C GLN B 68 -5.30 -3.86 31.12
N SER B 69 -4.66 -3.87 32.29
CA SER B 69 -4.47 -2.64 33.06
C SER B 69 -3.87 -1.52 32.24
N VAL B 70 -2.84 -1.81 31.45
CA VAL B 70 -2.15 -0.71 30.76
C VAL B 70 -3.07 -0.03 29.76
N PHE B 71 -4.06 -0.75 29.21
CA PHE B 71 -4.93 -0.08 28.25
C PHE B 71 -6.00 0.75 28.95
N ASP B 72 -6.39 0.34 30.14
CA ASP B 72 -7.19 1.22 30.99
C ASP B 72 -6.39 2.47 31.34
N GLN B 73 -5.15 2.28 31.80
CA GLN B 73 -4.28 3.44 32.07
C GLN B 73 -4.18 4.36 30.87
N LEU B 74 -3.88 3.79 29.69
CA LEU B 74 -3.73 4.58 28.47
C LEU B 74 -4.97 5.44 28.23
N SER B 75 -6.15 4.85 28.39
CA SER B 75 -7.37 5.56 28.08
C SER B 75 -7.61 6.74 29.00
N ARG B 76 -6.97 6.77 30.17
CA ARG B 76 -7.11 7.88 31.11
C ARG B 76 -5.92 8.82 31.08
N SER B 77 -4.94 8.58 30.23
CA SER B 77 -3.73 9.38 30.23
C SER B 77 -4.02 10.81 29.80
N ASP B 78 -3.41 11.78 30.48
CA ASP B 78 -3.55 13.15 30.03
C ASP B 78 -2.92 13.40 28.66
N ARG B 79 -2.05 12.51 28.18
CA ARG B 79 -1.49 12.65 26.85
C ARG B 79 -2.53 12.34 25.76
N LEU B 80 -3.63 11.67 26.11
CA LEU B 80 -4.76 11.50 25.19
C LEU B 80 -5.94 12.41 25.54
N LEU B 81 -6.32 12.45 26.81
CA LEU B 81 -7.49 13.24 27.20
C LEU B 81 -7.24 14.74 27.11
N GLY B 82 -5.99 15.18 27.32
CA GLY B 82 -5.66 16.58 27.22
C GLY B 82 -5.99 17.09 25.83
N PRO B 83 -5.36 16.50 24.81
CA PRO B 83 -5.67 16.94 23.45
C PRO B 83 -7.12 16.73 23.06
N ALA B 84 -7.73 15.62 23.45
CA ALA B 84 -9.11 15.39 23.08
C ALA B 84 -10.03 16.45 23.71
N THR B 85 -9.76 16.81 24.97
CA THR B 85 -10.56 17.81 25.65
C THR B 85 -10.34 19.19 25.03
N GLN B 86 -9.12 19.48 24.60
CA GLN B 86 -8.82 20.74 23.92
CA GLN B 86 -8.87 20.76 23.95
C GLN B 86 -9.67 20.88 22.66
N LEU B 87 -9.90 19.77 21.95
CA LEU B 87 -10.60 19.81 20.69
C LEU B 87 -12.13 19.81 20.84
N LEU B 88 -12.66 19.16 21.89
CA LEU B 88 -14.10 19.09 22.09
C LEU B 88 -14.64 19.96 23.21
N GLU B 89 -13.79 20.39 24.15
CA GLU B 89 -14.15 21.31 25.24
C GLU B 89 -15.36 20.80 26.03
N CYS B 90 -15.25 19.57 26.51
CA CYS B 90 -16.35 18.93 27.24
C CYS B 90 -15.79 17.74 27.99
N ASP B 91 -16.63 17.21 28.90
CA ASP B 91 -16.34 15.94 29.52
C ASP B 91 -16.53 14.81 28.51
N LEU B 92 -15.73 13.75 28.67
CA LEU B 92 -15.62 12.69 27.68
C LEU B 92 -15.74 11.31 28.31
N TYR B 93 -16.18 10.35 27.50
CA TYR B 93 -16.18 8.94 27.86
C TYR B 93 -15.79 8.15 26.61
N ILE B 94 -15.51 6.86 26.80
CA ILE B 94 -15.11 5.96 25.72
C ILE B 94 -16.34 5.43 24.99
N HIS B 95 -16.49 5.87 23.74
CA HIS B 95 -17.48 5.31 22.82
C HIS B 95 -17.01 3.99 22.23
N GLN B 96 -15.74 3.88 21.88
CA GLN B 96 -15.21 2.69 21.26
C GLN B 96 -13.72 2.62 21.54
N PHE B 97 -13.25 1.43 21.85
CA PHE B 97 -11.82 1.13 22.03
C PHE B 97 -11.51 -0.07 21.16
N LYS B 98 -10.65 0.11 20.17
CA LYS B 98 -10.30 -0.98 19.28
C LYS B 98 -8.83 -0.95 18.95
N ILE B 99 -8.31 -2.13 18.60
CA ILE B 99 -6.98 -2.25 18.07
C ILE B 99 -7.10 -3.01 16.75
N ASN B 100 -6.76 -2.33 15.66
CA ASN B 100 -6.79 -2.94 14.32
C ASN B 100 -5.39 -3.47 14.01
N THR B 101 -5.24 -4.79 14.19
CA THR B 101 -3.96 -5.50 14.15
C THR B 101 -3.74 -6.06 12.75
N LYS B 102 -3.08 -5.28 11.91
CA LYS B 102 -2.89 -5.65 10.49
C LYS B 102 -1.56 -6.37 10.32
N ARG B 103 -1.62 -7.69 10.17
CA ARG B 103 -0.42 -8.51 10.20
C ARG B 103 0.49 -8.25 9.02
N ALA B 104 1.77 -8.50 9.25
CA ALA B 104 2.73 -8.68 8.19
C ALA B 104 2.27 -9.79 7.26
N PHE B 105 2.65 -9.69 6.00
CA PHE B 105 2.41 -10.77 5.04
C PHE B 105 0.92 -11.04 4.90
N GLY B 106 0.17 -9.97 4.65
CA GLY B 106 -1.16 -10.08 4.09
C GLY B 106 -2.30 -9.53 4.92
N GLY B 107 -2.05 -8.78 6.00
CA GLY B 107 -3.16 -8.20 6.74
C GLY B 107 -4.02 -7.36 5.83
N ASP B 108 -5.34 -7.54 5.96
CA ASP B 108 -6.26 -7.07 4.93
C ASP B 108 -6.53 -5.56 5.05
N SER B 109 -7.06 -5.01 3.97
CA SER B 109 -7.40 -3.60 3.88
C SER B 109 -8.62 -3.25 4.73
N TRP B 110 -8.75 -1.92 4.97
CA TRP B 110 -9.95 -1.32 5.55
C TRP B 110 -10.58 -0.40 4.50
N ALA B 111 -11.84 -0.65 4.17
CA ALA B 111 -12.55 0.09 3.12
C ALA B 111 -12.59 1.58 3.42
N TRP B 112 -12.67 2.37 2.35
CA TRP B 112 -12.84 3.81 2.47
C TRP B 112 -14.20 4.11 3.08
N HIS B 113 -14.22 4.98 4.09
CA HIS B 113 -15.46 5.26 4.82
C HIS B 113 -15.31 6.50 5.68
N GLN B 114 -16.46 6.95 6.22
CA GLN B 114 -16.54 7.83 7.37
C GLN B 114 -17.08 7.05 8.56
N ASP B 115 -16.63 7.40 9.78
CA ASP B 115 -17.12 6.72 10.97
C ASP B 115 -18.53 7.16 11.37
N PHE B 116 -18.81 8.47 11.34
CA PHE B 116 -19.99 8.98 12.04
C PHE B 116 -21.26 8.36 11.52
N ILE B 117 -21.42 8.25 10.20
CA ILE B 117 -22.69 7.74 9.68
C ILE B 117 -22.96 6.34 10.18
N VAL B 118 -21.90 5.53 10.36
CA VAL B 118 -22.10 4.17 10.87
C VAL B 118 -22.74 4.24 12.26
N TRP B 119 -22.18 5.08 13.13
CA TRP B 119 -22.67 5.18 14.49
C TRP B 119 -24.01 5.89 14.56
N ARG B 120 -24.21 6.90 13.71
CA ARG B 120 -25.50 7.56 13.67
C ARG B 120 -26.61 6.57 13.33
N ASP B 121 -26.44 5.82 12.26
CA ASP B 121 -27.53 4.99 11.74
C ASP B 121 -27.64 3.66 12.47
N THR B 122 -26.53 3.10 12.95
CA THR B 122 -26.60 1.82 13.64
C THR B 122 -26.92 1.96 15.11
N ASP B 123 -26.41 3.00 15.75
CA ASP B 123 -26.40 3.09 17.20
C ASP B 123 -27.14 4.30 17.75
N GLY B 124 -27.60 5.21 16.89
CA GLY B 124 -28.29 6.39 17.36
C GLY B 124 -27.38 7.48 17.90
N LEU B 125 -26.11 7.49 17.51
CA LEU B 125 -25.24 8.58 17.91
C LEU B 125 -25.77 9.89 17.34
N PRO B 126 -26.12 10.88 18.16
CA PRO B 126 -26.84 12.05 17.61
C PRO B 126 -26.01 12.92 16.70
N ALA B 127 -24.74 13.16 17.03
CA ALA B 127 -23.95 14.19 16.38
C ALA B 127 -22.49 13.78 16.38
N PRO B 128 -21.67 14.39 15.54
CA PRO B 128 -20.25 14.00 15.48
C PRO B 128 -19.39 14.70 16.51
N ARG B 129 -19.88 14.74 17.74
CA ARG B 129 -19.18 15.39 18.87
C ARG B 129 -18.25 14.37 19.54
N ALA B 130 -17.35 13.80 18.72
CA ALA B 130 -16.44 12.76 19.15
C ALA B 130 -15.11 12.98 18.43
N VAL B 131 -14.08 12.32 18.94
CA VAL B 131 -12.76 12.39 18.32
C VAL B 131 -12.15 11.01 18.37
N ASN B 132 -11.52 10.61 17.26
CA ASN B 132 -10.76 9.37 17.22
C ASN B 132 -9.32 9.65 17.60
N VAL B 133 -8.78 8.85 18.52
CA VAL B 133 -7.43 9.05 19.00
C VAL B 133 -6.66 7.77 18.73
N GLY B 134 -5.81 7.79 17.70
CA GLY B 134 -4.99 6.66 17.37
C GLY B 134 -3.69 6.71 18.14
N VAL B 135 -3.25 5.53 18.56
CA VAL B 135 -1.95 5.32 19.17
C VAL B 135 -1.22 4.26 18.35
N PHE B 136 -0.08 4.61 17.80
CA PHE B 136 0.67 3.68 16.97
C PHE B 136 1.38 2.68 17.87
N LEU B 137 1.04 1.40 17.75
CA LEU B 137 1.78 0.35 18.46
C LEU B 137 2.82 -0.32 17.59
N SER B 138 2.95 0.13 16.35
CA SER B 138 3.95 -0.25 15.39
C SER B 138 4.42 1.04 14.71
N ASP B 139 5.64 1.00 14.18
CA ASP B 139 6.08 2.09 13.31
C ASP B 139 5.20 2.08 12.05
N VAL B 140 4.62 3.23 11.72
CA VAL B 140 3.68 3.33 10.60
C VAL B 140 4.44 3.94 9.44
N THR B 141 4.55 3.20 8.35
CA THR B 141 5.37 3.56 7.20
C THR B 141 4.51 3.56 5.94
N GLU B 142 5.14 3.82 4.80
N GLU B 142 5.14 3.83 4.79
CA GLU B 142 4.43 3.74 3.53
CA GLU B 142 4.43 3.73 3.52
C GLU B 142 4.16 2.30 3.11
C GLU B 142 4.04 2.29 3.21
N PHE B 143 4.70 1.31 3.83
CA PHE B 143 4.65 -0.07 3.34
C PHE B 143 3.76 -1.00 4.13
N ASN B 144 3.30 -0.63 5.32
CA ASN B 144 2.54 -1.56 6.15
C ASN B 144 1.09 -1.14 6.32
N GLY B 145 0.50 -0.58 5.26
CA GLY B 145 -0.91 -0.28 5.27
C GLY B 145 -1.35 0.81 6.26
N PRO B 146 -0.72 1.98 6.20
CA PRO B 146 -1.12 3.08 7.07
C PRO B 146 -2.52 3.56 6.76
N VAL B 147 -3.18 4.14 7.77
CA VAL B 147 -4.38 4.92 7.47
C VAL B 147 -4.05 6.00 6.45
N VAL B 148 -4.95 6.14 5.47
CA VAL B 148 -4.91 7.18 4.46
C VAL B 148 -6.15 8.03 4.68
N PHE B 149 -5.95 9.34 4.76
CA PHE B 149 -7.01 10.32 4.84
C PHE B 149 -7.17 11.04 3.51
N LEU B 150 -8.40 11.42 3.22
CA LEU B 150 -8.64 12.44 2.20
C LEU B 150 -8.61 13.78 2.95
N SER B 151 -7.53 14.52 2.79
CA SER B 151 -7.25 15.70 3.62
C SER B 151 -8.40 16.70 3.56
N GLY B 152 -8.87 17.14 4.72
CA GLY B 152 -9.93 18.12 4.82
C GLY B 152 -11.32 17.64 4.46
N SER B 153 -11.50 16.34 4.21
CA SER B 153 -12.79 15.86 3.69
C SER B 153 -13.88 15.84 4.75
N HIS B 154 -13.53 16.01 6.02
CA HIS B 154 -14.56 16.14 7.06
C HIS B 154 -15.36 17.41 6.91
N GLN B 155 -14.82 18.43 6.23
CA GLN B 155 -15.60 19.64 6.00
C GLN B 155 -16.83 19.39 5.14
N ARG B 156 -16.87 18.27 4.40
CA ARG B 156 -18.05 17.88 3.63
C ARG B 156 -19.23 17.48 4.51
N GLY B 157 -18.99 17.19 5.79
CA GLY B 157 -20.01 16.63 6.65
C GLY B 157 -20.26 15.19 6.23
N THR B 158 -21.42 14.69 6.59
CA THR B 158 -21.75 13.29 6.32
C THR B 158 -22.22 13.10 4.88
N VAL B 159 -21.60 12.15 4.18
CA VAL B 159 -22.02 11.76 2.84
C VAL B 159 -23.02 10.63 2.99
N GLU B 160 -24.28 10.91 2.67
CA GLU B 160 -25.36 9.98 2.94
C GLU B 160 -25.23 8.71 2.10
N ARG B 161 -25.63 7.59 2.71
CA ARG B 161 -25.70 6.31 2.03
C ARG B 161 -26.52 5.37 2.90
N LYS B 162 -26.90 4.25 2.31
CA LYS B 162 -27.55 3.15 3.01
C LYS B 162 -26.57 2.01 3.21
N ALA B 163 -26.74 1.28 4.30
CA ALA B 163 -25.94 0.08 4.57
C ALA B 163 -26.10 -0.92 3.43
N ARG B 164 -24.99 -1.59 3.08
CA ARG B 164 -25.04 -2.67 2.11
C ARG B 164 -26.05 -3.73 2.54
N GLU B 165 -26.63 -4.41 1.55
CA GLU B 165 -27.67 -5.41 1.80
C GLU B 165 -27.16 -6.51 2.72
N THR B 166 -25.92 -6.94 2.54
CA THR B 166 -25.32 -7.99 3.35
C THR B 166 -24.19 -7.38 4.18
N SER B 167 -24.15 -7.73 5.45
CA SER B 167 -23.08 -7.30 6.34
C SER B 167 -21.90 -8.24 6.25
N ARG B 168 -20.69 -7.68 6.23
CA ARG B 168 -19.50 -8.52 6.14
C ARG B 168 -19.28 -9.32 7.43
N SER B 169 -19.58 -8.72 8.58
CA SER B 169 -19.32 -9.33 9.87
C SER B 169 -20.55 -9.19 10.75
N ASP B 170 -20.81 -10.21 11.58
CA ASP B 170 -21.84 -10.10 12.58
C ASP B 170 -21.29 -9.68 13.94
N GLN B 171 -19.99 -9.42 14.03
CA GLN B 171 -19.33 -9.05 15.28
C GLN B 171 -19.13 -7.56 15.44
N HIS B 172 -19.11 -6.83 14.33
CA HIS B 172 -19.00 -5.38 14.32
C HIS B 172 -19.44 -4.93 12.94
N VAL B 173 -19.47 -3.63 12.71
CA VAL B 173 -19.75 -3.11 11.38
C VAL B 173 -18.42 -2.89 10.68
N ASP B 174 -18.06 -3.79 9.78
CA ASP B 174 -16.89 -3.55 8.95
C ASP B 174 -17.16 -2.36 8.04
N PRO B 175 -16.19 -1.47 7.84
CA PRO B 175 -16.44 -0.30 6.97
C PRO B 175 -16.90 -0.66 5.56
N ASP B 176 -16.63 -1.88 5.10
CA ASP B 176 -17.16 -2.33 3.82
C ASP B 176 -18.65 -2.10 3.74
N ASP B 177 -19.36 -2.21 4.87
CA ASP B 177 -20.82 -2.08 4.86
C ASP B 177 -21.28 -0.69 4.48
N TYR B 178 -20.43 0.32 4.68
CA TYR B 178 -20.75 1.72 4.44
C TYR B 178 -19.68 2.36 3.56
N SER B 179 -19.16 1.61 2.60
CA SER B 179 -17.96 2.04 1.90
C SER B 179 -18.28 3.12 0.89
N MET B 180 -17.34 4.05 0.71
CA MET B 180 -17.49 5.06 -0.33
C MET B 180 -17.50 4.38 -1.69
N THR B 181 -18.23 4.97 -2.64
CA THR B 181 -18.23 4.46 -3.98
C THR B 181 -17.02 5.00 -4.75
N PRO B 182 -16.59 4.30 -5.80
CA PRO B 182 -15.50 4.82 -6.64
C PRO B 182 -15.78 6.21 -7.18
N ALA B 183 -17.01 6.46 -7.63
CA ALA B 183 -17.34 7.77 -8.15
C ALA B 183 -17.22 8.84 -7.07
N GLU B 184 -17.62 8.51 -5.84
CA GLU B 184 -17.48 9.46 -4.75
C GLU B 184 -16.01 9.75 -4.47
N LEU B 185 -15.18 8.71 -4.45
CA LEU B 185 -13.76 8.88 -4.16
C LEU B 185 -13.05 9.70 -5.23
N SER B 186 -13.35 9.41 -6.51
CA SER B 186 -12.73 10.17 -7.59
C SER B 186 -13.07 11.64 -7.50
N GLN B 187 -14.31 11.96 -7.13
CA GLN B 187 -14.73 13.35 -7.00
C GLN B 187 -14.08 14.00 -5.80
N MET B 188 -14.05 13.30 -4.67
CA MET B 188 -13.55 13.88 -3.43
C MET B 188 -12.03 14.08 -3.47
N VAL B 189 -11.28 13.13 -4.02
CA VAL B 189 -9.83 13.20 -3.95
C VAL B 189 -9.29 14.42 -4.68
N GLU B 190 -10.05 14.99 -5.63
CA GLU B 190 -9.59 16.16 -6.37
C GLU B 190 -9.36 17.35 -5.44
N LYS B 191 -10.29 17.59 -4.51
CA LYS B 191 -10.14 18.69 -3.56
C LYS B 191 -9.59 18.27 -2.20
N HIS B 192 -9.46 16.96 -1.96
CA HIS B 192 -9.06 16.43 -0.66
C HIS B 192 -8.04 15.34 -0.89
N PRO B 193 -6.79 15.70 -1.16
CA PRO B 193 -5.81 14.70 -1.59
C PRO B 193 -5.49 13.70 -0.49
N MET B 194 -4.98 12.53 -0.93
CA MET B 194 -4.58 11.49 -0.02
C MET B 194 -3.36 11.91 0.80
N VAL B 195 -3.41 11.61 2.10
CA VAL B 195 -2.25 11.78 2.97
C VAL B 195 -2.25 10.67 4.01
N SER B 196 -1.06 10.11 4.27
N SER B 196 -1.06 10.08 4.24
N SER B 196 -1.05 10.17 4.31
CA SER B 196 -0.91 9.04 5.27
CA SER B 196 -0.88 9.04 5.26
CA SER B 196 -0.89 9.07 5.25
C SER B 196 0.13 9.47 6.29
C SER B 196 0.13 9.56 6.26
C SER B 196 0.14 9.46 6.29
N PRO B 197 -0.28 9.96 7.46
CA PRO B 197 0.69 10.35 8.48
C PRO B 197 1.52 9.14 8.90
N LYS B 198 2.83 9.32 8.84
N LYS B 198 2.84 9.31 8.91
CA LYS B 198 3.82 8.34 9.22
CA LYS B 198 3.77 8.22 9.20
C LYS B 198 4.48 8.76 10.52
C LYS B 198 4.69 8.64 10.35
N ALA B 199 4.80 7.79 11.37
CA ALA B 199 5.58 8.09 12.57
C ALA B 199 5.91 6.78 13.27
N ALA B 200 6.86 6.88 14.19
CA ALA B 200 7.31 5.76 15.02
C ALA B 200 6.22 5.32 16.01
N SER B 201 6.31 4.05 16.42
CA SER B 201 5.45 3.56 17.50
C SER B 201 5.52 4.52 18.69
N GLY B 202 4.39 4.66 19.37
CA GLY B 202 4.24 5.57 20.48
C GLY B 202 3.68 6.91 20.08
N SER B 203 3.56 7.16 18.79
CA SER B 203 2.98 8.41 18.32
C SER B 203 1.45 8.35 18.39
N VAL B 204 0.84 9.53 18.44
CA VAL B 204 -0.60 9.69 18.59
C VAL B 204 -1.13 10.46 17.38
N MET B 205 -2.27 10.04 16.86
CA MET B 205 -2.88 10.66 15.69
C MET B 205 -4.36 10.86 15.99
N LEU B 206 -4.80 12.11 16.12
CA LEU B 206 -6.21 12.42 16.37
C LEU B 206 -6.87 12.68 15.02
N PHE B 207 -8.10 12.19 14.83
CA PHE B 207 -8.76 12.44 13.56
C PHE B 207 -10.27 12.47 13.72
N HIS B 208 -10.90 13.22 12.84
CA HIS B 208 -12.30 13.59 12.92
C HIS B 208 -13.20 12.44 12.47
N PRO B 209 -14.35 12.24 13.12
CA PRO B 209 -15.22 11.11 12.74
C PRO B 209 -15.92 11.26 11.40
N GLU B 210 -15.79 12.40 10.70
CA GLU B 210 -16.35 12.54 9.36
C GLU B 210 -15.26 12.63 8.30
N ILE B 211 -13.98 12.47 8.65
CA ILE B 211 -12.95 12.45 7.63
C ILE B 211 -13.02 11.12 6.89
N ILE B 212 -12.89 11.16 5.58
CA ILE B 212 -12.87 9.93 4.80
C ILE B 212 -11.51 9.28 4.96
N HIS B 213 -11.49 8.00 5.35
CA HIS B 213 -10.25 7.29 5.57
C HIS B 213 -10.38 5.83 5.17
N GLY B 214 -9.23 5.22 4.89
CA GLY B 214 -9.15 3.81 4.54
C GLY B 214 -7.70 3.38 4.64
N SER B 215 -7.44 2.10 4.35
CA SER B 215 -6.06 1.64 4.39
C SER B 215 -5.91 0.39 3.55
N ALA B 216 -4.73 0.20 2.98
CA ALA B 216 -4.48 -0.88 2.04
C ALA B 216 -4.02 -2.14 2.76
N PRO B 217 -3.94 -3.27 2.05
CA PRO B 217 -3.36 -4.46 2.67
C PRO B 217 -1.89 -4.24 3.00
N ASN B 218 -1.39 -5.05 3.94
CA ASN B 218 0.00 -4.99 4.40
C ASN B 218 0.76 -6.18 3.80
N ILE B 219 1.51 -5.92 2.73
CA ILE B 219 2.31 -6.98 2.10
C ILE B 219 3.71 -7.07 2.69
N SER B 220 4.04 -6.20 3.63
CA SER B 220 5.40 -6.08 4.14
C SER B 220 5.71 -7.12 5.21
N PRO B 221 6.99 -7.25 5.57
CA PRO B 221 7.37 -8.11 6.71
C PRO B 221 7.14 -7.51 8.09
N PHE B 222 6.54 -6.33 8.17
CA PHE B 222 6.37 -5.60 9.42
C PHE B 222 4.88 -5.51 9.73
N ALA B 223 4.50 -5.78 10.97
CA ALA B 223 3.11 -5.63 11.36
C ALA B 223 2.70 -4.15 11.48
N ARG B 224 1.38 -3.92 11.52
CA ARG B 224 0.84 -2.56 11.73
C ARG B 224 -0.29 -2.64 12.75
N ASP B 225 0.08 -2.56 14.03
CA ASP B 225 -0.89 -2.61 15.12
C ASP B 225 -1.29 -1.19 15.50
N LEU B 226 -2.55 -0.84 15.24
CA LEU B 226 -3.05 0.52 15.39
C LEU B 226 -4.19 0.53 16.40
N LEU B 227 -3.99 1.21 17.52
CA LEU B 227 -5.01 1.34 18.55
C LEU B 227 -5.77 2.64 18.32
N ILE B 228 -7.11 2.61 18.45
CA ILE B 228 -7.95 3.79 18.25
C ILE B 228 -8.95 3.84 19.39
N ILE B 229 -8.91 4.93 20.17
CA ILE B 229 -9.93 5.21 21.19
C ILE B 229 -10.79 6.32 20.63
N THR B 230 -12.09 6.10 20.58
CA THR B 230 -13.03 7.13 20.19
C THR B 230 -13.63 7.69 21.49
N TYR B 231 -13.28 8.94 21.80
CA TYR B 231 -13.87 9.66 22.92
C TYR B 231 -15.09 10.43 22.45
N ASN B 232 -16.14 10.41 23.25
CA ASN B 232 -17.40 11.05 22.92
C ASN B 232 -17.81 12.01 24.04
N ASP B 233 -18.42 13.12 23.63
CA ASP B 233 -19.03 14.06 24.56
C ASP B 233 -20.06 13.34 25.43
N VAL B 234 -19.96 13.49 26.74
CA VAL B 234 -20.90 12.83 27.66
C VAL B 234 -22.33 13.24 27.38
N ALA B 235 -22.53 14.43 26.81
CA ALA B 235 -23.86 14.92 26.47
C ALA B 235 -24.33 14.43 25.10
N ASN B 236 -23.56 13.55 24.46
CA ASN B 236 -23.85 13.08 23.11
C ASN B 236 -24.00 11.56 23.09
N ALA B 237 -24.51 11.00 24.18
CA ALA B 237 -24.61 9.55 24.30
C ALA B 237 -25.58 9.01 23.24
N PRO B 238 -25.31 7.84 22.67
CA PRO B 238 -26.27 7.25 21.71
C PRO B 238 -27.66 7.11 22.31
N LYS B 239 -28.66 7.31 21.43
CA LYS B 239 -30.07 7.11 21.75
C LYS B 239 -30.55 5.99 20.84
N PRO B 240 -30.22 4.74 21.14
CA PRO B 240 -30.56 3.65 20.22
C PRO B 240 -32.06 3.47 20.08
N ALA B 241 -32.46 3.01 18.91
CA ALA B 241 -33.85 2.64 18.65
C ALA B 241 -34.25 1.53 19.60
N GLY B 242 -33.79 0.31 19.33
CA GLY B 242 -34.17 -0.84 20.13
C GLY B 242 -33.06 -1.31 21.05
N GLU B 243 -32.71 -2.58 20.94
CA GLU B 243 -31.62 -3.12 21.73
C GLU B 243 -30.30 -2.61 21.19
N PRO B 244 -29.39 -2.11 22.02
CA PRO B 244 -28.10 -1.66 21.50
C PRO B 244 -27.18 -2.82 21.10
N ARG B 245 -26.17 -2.47 20.32
CA ARG B 245 -25.07 -3.37 20.04
C ARG B 245 -24.29 -3.62 21.33
N PRO B 246 -23.44 -4.63 21.35
CA PRO B 246 -22.70 -4.94 22.58
C PRO B 246 -21.85 -3.79 23.08
N GLU B 247 -21.64 -3.78 24.40
CA GLU B 247 -20.81 -2.76 25.01
C GLU B 247 -19.37 -2.79 24.51
N TYR B 248 -18.88 -3.96 24.08
CA TYR B 248 -17.50 -4.00 23.59
C TYR B 248 -17.29 -3.16 22.36
N VAL B 249 -18.36 -2.89 21.58
CA VAL B 249 -18.23 -2.05 20.40
C VAL B 249 -18.80 -0.65 20.62
N ILE B 250 -19.83 -0.49 21.45
CA ILE B 250 -20.45 0.82 21.66
C ILE B 250 -20.56 1.05 23.17
N GLY B 251 -19.75 1.98 23.69
CA GLY B 251 -19.70 2.19 25.11
C GLY B 251 -21.01 2.71 25.67
N ARG B 252 -21.27 2.34 26.92
CA ARG B 252 -22.51 2.72 27.60
C ARG B 252 -22.31 3.53 28.86
N ASP B 253 -21.12 3.48 29.46
CA ASP B 253 -20.86 4.16 30.74
C ASP B 253 -20.36 5.57 30.44
N THR B 254 -21.25 6.54 30.63
CA THR B 254 -20.95 7.93 30.33
C THR B 254 -20.39 8.70 31.53
N THR B 255 -19.88 8.01 32.54
CA THR B 255 -19.18 8.70 33.63
C THR B 255 -18.02 9.51 33.04
N PRO B 256 -17.86 10.79 33.39
CA PRO B 256 -16.75 11.56 32.83
C PRO B 256 -15.40 11.00 33.25
N LEU B 257 -14.51 10.89 32.28
CA LEU B 257 -13.15 10.46 32.56
C LEU B 257 -12.37 11.58 33.26
N VAL B 258 -11.48 11.16 34.16
CA VAL B 258 -10.54 12.05 34.83
C VAL B 258 -9.13 11.63 34.42
N SER B 259 -8.34 12.57 33.92
CA SER B 259 -7.05 12.20 33.38
C SER B 259 -6.01 11.98 34.48
N ARG B 260 -4.98 11.23 34.12
N ARG B 260 -5.00 11.18 34.13
CA ARG B 260 -3.89 10.90 35.02
CA ARG B 260 -3.88 10.83 34.97
C ARG B 260 -2.58 11.24 34.33
C ARG B 260 -2.58 11.28 34.31
N SER B 261 -1.64 11.75 35.11
CA SER B 261 -0.34 12.16 34.61
C SER B 261 0.67 11.04 34.81
N GLY B 262 1.79 11.16 34.12
CA GLY B 262 2.90 10.28 34.36
C GLY B 262 2.92 9.11 33.41
N PRO B 263 3.95 8.27 33.53
CA PRO B 263 4.11 7.16 32.59
C PRO B 263 3.18 6.00 32.90
N LEU B 264 2.99 5.19 31.87
CA LEU B 264 2.27 3.93 31.99
C LEU B 264 3.15 2.88 32.63
N HIS B 265 2.53 2.04 33.44
CA HIS B 265 3.28 0.96 34.10
C HIS B 265 2.72 -0.41 33.74
#